data_7B22
#
_entry.id   7B22
#
_cell.length_a   85.010
_cell.length_b   101.700
_cell.length_c   107.230
_cell.angle_alpha   90.000
_cell.angle_beta   90.000
_cell.angle_gamma   90.000
#
_symmetry.space_group_name_H-M   'C 2 2 21'
#
_entity_poly.entity_id   1
_entity_poly.type   'polypeptide(L)'
_entity_poly.pdbx_seq_one_letter_code
;MAKNTSITLGEHFDGFITSQIQSGRYGSASEVIRSALRLLENQETKLQSLRQLLIEGEQSGDADYDLDSFINELDSENIR
;
_entity_poly.pdbx_strand_id   A,B,C,D,E,F,G,H
#
# COMPACT_ATOMS: atom_id res chain seq x y z
N LYS A 3 -35.87 -20.02 -4.37
CA LYS A 3 -36.33 -20.10 -2.99
C LYS A 3 -35.85 -21.40 -2.33
N ASN A 4 -35.54 -21.31 -1.03
CA ASN A 4 -35.06 -22.44 -0.23
C ASN A 4 -33.78 -23.02 -0.84
N THR A 5 -32.74 -22.20 -0.81
CA THR A 5 -31.43 -22.58 -1.31
C THR A 5 -30.56 -23.08 -0.16
N SER A 6 -29.71 -24.07 -0.47
CA SER A 6 -28.84 -24.69 0.51
C SER A 6 -27.39 -24.36 0.16
N ILE A 7 -26.65 -23.86 1.14
CA ILE A 7 -25.22 -23.56 0.99
C ILE A 7 -24.49 -24.08 2.22
N THR A 8 -23.22 -24.41 2.03
CA THR A 8 -22.39 -24.91 3.12
C THR A 8 -21.30 -23.89 3.41
N LEU A 9 -21.44 -23.17 4.51
CA LEU A 9 -20.40 -22.30 5.00
C LEU A 9 -19.49 -23.08 5.95
N GLY A 10 -18.27 -22.58 6.13
CA GLY A 10 -17.31 -23.26 6.97
C GLY A 10 -17.77 -23.34 8.42
N GLU A 11 -17.16 -24.28 9.15
CA GLU A 11 -17.45 -24.40 10.57
C GLU A 11 -17.19 -23.09 11.30
N HIS A 12 -16.19 -22.34 10.85
CA HIS A 12 -15.95 -21.00 11.39
C HIS A 12 -17.18 -20.11 11.21
N PHE A 13 -17.69 -20.01 9.98
CA PHE A 13 -18.85 -19.15 9.73
C PHE A 13 -20.13 -19.73 10.34
N ASP A 14 -20.21 -21.06 10.46
CA ASP A 14 -21.35 -21.64 11.15
C ASP A 14 -21.36 -21.23 12.62
N GLY A 15 -20.23 -21.38 13.30
CA GLY A 15 -20.11 -20.89 14.66
C GLY A 15 -20.34 -19.41 14.78
N PHE A 16 -19.90 -18.64 13.77
CA PHE A 16 -20.11 -17.19 13.77
C PHE A 16 -21.60 -16.86 13.73
N ILE A 17 -22.33 -17.49 12.82
CA ILE A 17 -23.77 -17.24 12.71
C ILE A 17 -24.49 -17.67 13.99
N THR A 18 -24.10 -18.83 14.55
CA THR A 18 -24.72 -19.28 15.79
C THR A 18 -24.43 -18.30 16.93
N SER A 19 -23.20 -17.79 16.99
CA SER A 19 -22.86 -16.83 18.05
C SER A 19 -23.66 -15.54 17.90
N GLN A 20 -23.87 -15.11 16.65
CA GLN A 20 -24.68 -13.91 16.44
C GLN A 20 -26.14 -14.15 16.77
N ILE A 21 -26.63 -15.38 16.63
CA ILE A 21 -28.02 -15.66 16.96
C ILE A 21 -28.21 -15.78 18.47
N GLN A 22 -27.34 -16.55 19.13
CA GLN A 22 -27.44 -16.75 20.58
C GLN A 22 -27.27 -15.45 21.37
N SER A 23 -26.63 -14.44 20.78
CA SER A 23 -26.54 -13.15 21.45
C SER A 23 -27.88 -12.43 21.46
N GLY A 24 -28.82 -12.84 20.62
CA GLY A 24 -30.11 -12.19 20.52
C GLY A 24 -30.17 -11.00 19.58
N ARG A 25 -29.04 -10.62 18.98
CA ARG A 25 -29.04 -9.48 18.08
C ARG A 25 -29.70 -9.83 16.75
N TYR A 26 -29.38 -10.99 16.18
CA TYR A 26 -29.89 -11.41 14.90
C TYR A 26 -30.90 -12.54 15.09
N GLY A 27 -32.01 -12.46 14.35
CA GLY A 27 -33.05 -13.46 14.43
C GLY A 27 -32.65 -14.79 13.81
N SER A 28 -32.63 -14.85 12.49
CA SER A 28 -32.27 -16.06 11.77
C SER A 28 -30.87 -15.93 11.17
N ALA A 29 -30.40 -17.00 10.55
CA ALA A 29 -29.16 -16.91 9.78
C ALA A 29 -29.36 -16.07 8.53
N SER A 30 -30.58 -16.06 8.00
CA SER A 30 -30.91 -15.17 6.88
C SER A 30 -30.65 -13.72 7.23
N GLU A 31 -30.91 -13.33 8.48
CA GLU A 31 -30.68 -11.96 8.91
C GLU A 31 -29.19 -11.61 8.88
N VAL A 32 -28.36 -12.50 9.42
CA VAL A 32 -26.92 -12.26 9.43
C VAL A 32 -26.39 -12.18 8.01
N ILE A 33 -26.81 -13.11 7.15
CA ILE A 33 -26.34 -13.12 5.77
C ILE A 33 -26.81 -11.88 5.03
N ARG A 34 -28.03 -11.42 5.31
CA ARG A 34 -28.53 -10.22 4.64
C ARG A 34 -27.79 -8.98 5.10
N SER A 35 -27.42 -8.92 6.38
CA SER A 35 -26.63 -7.79 6.86
C SER A 35 -25.25 -7.78 6.23
N ALA A 36 -24.61 -8.95 6.14
CA ALA A 36 -23.31 -9.04 5.51
C ALA A 36 -23.40 -8.66 4.03
N LEU A 37 -24.48 -9.07 3.36
CA LEU A 37 -24.66 -8.72 1.95
C LEU A 37 -24.92 -7.24 1.79
N ARG A 38 -25.63 -6.62 2.73
CA ARG A 38 -25.81 -5.17 2.70
C ARG A 38 -24.46 -4.46 2.80
N LEU A 39 -23.60 -4.92 3.72
CA LEU A 39 -22.28 -4.32 3.86
C LEU A 39 -21.47 -4.47 2.57
N LEU A 40 -21.42 -5.68 2.01
CA LEU A 40 -20.65 -5.89 0.79
C LEU A 40 -21.22 -5.13 -0.39
N GLU A 41 -22.55 -4.97 -0.44
CA GLU A 41 -23.17 -4.19 -1.51
C GLU A 41 -22.84 -2.71 -1.36
N ASN A 42 -22.80 -2.21 -0.12
CA ASN A 42 -22.34 -0.84 0.10
C ASN A 42 -20.92 -0.66 -0.42
N GLN A 43 -20.03 -1.60 -0.08
CA GLN A 43 -18.67 -1.53 -0.57
C GLN A 43 -18.62 -1.51 -2.09
N GLU A 44 -19.32 -2.44 -2.74
CA GLU A 44 -19.24 -2.56 -4.20
C GLU A 44 -19.90 -1.37 -4.89
N THR A 45 -20.96 -0.80 -4.31
CA THR A 45 -21.61 0.35 -4.91
C THR A 45 -20.74 1.59 -4.77
N LYS A 46 -20.05 1.74 -3.63
CA LYS A 46 -19.08 2.82 -3.51
C LYS A 46 -17.92 2.62 -4.48
N LEU A 47 -17.59 1.37 -4.79
CA LEU A 47 -16.53 1.09 -5.75
C LEU A 47 -16.94 1.52 -7.16
N GLN A 48 -18.06 1.00 -7.65
CA GLN A 48 -18.48 1.23 -9.03
C GLN A 48 -18.86 2.69 -9.29
N SER A 49 -19.06 3.50 -8.26
CA SER A 49 -19.38 4.91 -8.47
C SER A 49 -18.22 5.67 -9.10
N LEU A 50 -16.99 5.17 -8.95
CA LEU A 50 -15.84 5.84 -9.56
C LEU A 50 -15.73 5.52 -11.04
N ARG A 51 -15.83 4.24 -11.39
CA ARG A 51 -15.75 3.82 -12.78
C ARG A 51 -16.46 2.48 -13.00
N LYS B 3 -22.33 -27.70 8.75
CA LYS B 3 -22.29 -28.04 7.34
C LYS B 3 -23.70 -28.08 6.75
N ASN B 4 -23.84 -27.57 5.53
CA ASN B 4 -25.10 -27.56 4.79
C ASN B 4 -26.18 -26.78 5.53
N THR B 5 -26.32 -25.49 5.21
CA THR B 5 -27.32 -24.63 5.83
C THR B 5 -28.24 -24.06 4.75
N SER B 6 -29.53 -24.05 5.03
CA SER B 6 -30.53 -23.54 4.10
C SER B 6 -30.90 -22.11 4.47
N ILE B 7 -30.88 -21.22 3.49
CA ILE B 7 -31.14 -19.80 3.71
C ILE B 7 -32.03 -19.28 2.59
N THR B 8 -33.03 -18.49 2.94
CA THR B 8 -33.97 -17.90 1.99
C THR B 8 -33.66 -16.41 1.89
N LEU B 9 -32.81 -16.05 0.92
CA LEU B 9 -32.47 -14.66 0.68
C LEU B 9 -33.42 -14.03 -0.33
N GLY B 10 -33.48 -12.70 -0.31
CA GLY B 10 -34.40 -11.99 -1.18
C GLY B 10 -33.97 -12.04 -2.64
N GLU B 11 -34.91 -11.70 -3.52
CA GLU B 11 -34.61 -11.67 -4.94
C GLU B 11 -33.56 -10.61 -5.26
N HIS B 12 -33.60 -9.49 -4.54
CA HIS B 12 -32.57 -8.46 -4.69
C HIS B 12 -31.19 -9.03 -4.43
N PHE B 13 -31.01 -9.75 -3.31
CA PHE B 13 -29.71 -10.31 -2.99
C PHE B 13 -29.35 -11.48 -3.89
N ASP B 14 -30.35 -12.22 -4.37
CA ASP B 14 -30.08 -13.24 -5.37
C ASP B 14 -29.47 -12.63 -6.62
N GLY B 15 -30.12 -11.61 -7.17
CA GLY B 15 -29.58 -10.94 -8.34
C GLY B 15 -28.24 -10.29 -8.07
N PHE B 16 -28.06 -9.75 -6.87
CA PHE B 16 -26.79 -9.12 -6.52
C PHE B 16 -25.66 -10.14 -6.48
N ILE B 17 -25.91 -11.31 -5.89
CA ILE B 17 -24.88 -12.34 -5.82
C ILE B 17 -24.56 -12.86 -7.22
N THR B 18 -25.59 -13.06 -8.04
CA THR B 18 -25.35 -13.52 -9.40
C THR B 18 -24.58 -12.49 -10.21
N SER B 19 -24.86 -11.19 -10.00
CA SER B 19 -24.13 -10.15 -10.73
C SER B 19 -22.70 -10.03 -10.23
N GLN B 20 -22.47 -10.27 -8.94
CA GLN B 20 -21.10 -10.27 -8.43
C GLN B 20 -20.31 -11.45 -8.99
N ILE B 21 -20.98 -12.60 -9.15
CA ILE B 21 -20.33 -13.72 -9.84
C ILE B 21 -20.04 -13.38 -11.28
N GLN B 22 -20.98 -12.69 -11.95
CA GLN B 22 -20.80 -12.35 -13.35
C GLN B 22 -19.70 -11.32 -13.56
N SER B 23 -19.44 -10.48 -12.55
CA SER B 23 -18.41 -9.45 -12.68
C SER B 23 -17.00 -10.04 -12.75
N GLY B 24 -16.85 -11.35 -12.58
CA GLY B 24 -15.54 -11.97 -12.53
C GLY B 24 -14.77 -11.75 -11.26
N ARG B 25 -15.26 -10.90 -10.36
CA ARG B 25 -14.57 -10.65 -9.10
C ARG B 25 -14.77 -11.79 -8.10
N TYR B 26 -15.88 -12.51 -8.21
CA TYR B 26 -16.20 -13.58 -7.28
C TYR B 26 -16.52 -14.85 -8.06
N GLY B 27 -16.17 -16.00 -7.46
CA GLY B 27 -16.32 -17.26 -8.14
C GLY B 27 -17.72 -17.85 -8.08
N SER B 28 -18.15 -18.25 -6.89
CA SER B 28 -19.47 -18.86 -6.68
C SER B 28 -20.28 -18.00 -5.71
N ALA B 29 -21.50 -18.45 -5.43
CA ALA B 29 -22.32 -17.78 -4.43
C ALA B 29 -21.72 -17.94 -3.04
N SER B 30 -21.14 -19.11 -2.75
CA SER B 30 -20.48 -19.33 -1.48
C SER B 30 -19.33 -18.34 -1.28
N GLU B 31 -18.62 -18.00 -2.34
CA GLU B 31 -17.51 -17.05 -2.21
C GLU B 31 -18.03 -15.65 -1.87
N VAL B 32 -19.11 -15.22 -2.53
CA VAL B 32 -19.70 -13.92 -2.20
C VAL B 32 -20.18 -13.91 -0.75
N ILE B 33 -20.82 -14.99 -0.32
CA ILE B 33 -21.32 -15.06 1.06
C ILE B 33 -20.18 -15.04 2.05
N ARG B 34 -19.09 -15.75 1.74
CA ARG B 34 -17.95 -15.79 2.66
C ARG B 34 -17.25 -14.43 2.73
N SER B 35 -17.13 -13.74 1.60
CA SER B 35 -16.52 -12.41 1.61
C SER B 35 -17.39 -11.41 2.36
N ALA B 36 -18.71 -11.50 2.19
CA ALA B 36 -19.61 -10.61 2.94
C ALA B 36 -19.54 -10.90 4.44
N LEU B 37 -19.49 -12.17 4.82
CA LEU B 37 -19.35 -12.50 6.23
C LEU B 37 -17.99 -12.07 6.78
N ARG B 38 -16.95 -12.10 5.95
CA ARG B 38 -15.65 -11.57 6.37
C ARG B 38 -15.75 -10.06 6.63
N LEU B 39 -16.41 -9.34 5.73
CA LEU B 39 -16.62 -7.91 5.94
C LEU B 39 -17.39 -7.66 7.23
N LEU B 40 -18.42 -8.47 7.49
CA LEU B 40 -19.21 -8.31 8.71
C LEU B 40 -18.38 -8.58 9.95
N GLU B 41 -17.61 -9.66 9.94
CA GLU B 41 -16.79 -10.00 11.10
C GLU B 41 -15.72 -8.94 11.33
N ASN B 42 -15.17 -8.37 10.25
CA ASN B 42 -14.16 -7.33 10.39
C ASN B 42 -14.79 -6.04 10.93
N GLN B 43 -16.03 -5.74 10.52
CA GLN B 43 -16.73 -4.60 11.09
C GLN B 43 -16.96 -4.79 12.59
N GLU B 44 -17.40 -5.99 12.99
CA GLU B 44 -17.53 -6.30 14.41
C GLU B 44 -16.21 -6.11 15.14
N THR B 45 -15.12 -6.64 14.58
CA THR B 45 -13.82 -6.53 15.23
C THR B 45 -13.39 -5.07 15.36
N LYS B 46 -13.62 -4.27 14.32
CA LYS B 46 -13.31 -2.84 14.39
C LYS B 46 -14.18 -2.13 15.42
N LEU B 47 -15.41 -2.62 15.63
CA LEU B 47 -16.23 -2.09 16.72
C LEU B 47 -15.61 -2.42 18.06
N GLN B 48 -15.13 -3.66 18.23
CA GLN B 48 -14.48 -4.04 19.49
C GLN B 48 -13.10 -3.41 19.66
N SER B 49 -12.60 -2.69 18.65
CA SER B 49 -11.30 -2.04 18.80
C SER B 49 -11.31 -1.03 19.93
N LEU B 50 -12.37 -0.21 20.01
CA LEU B 50 -12.50 0.73 21.12
C LEU B 50 -13.00 0.02 22.38
N ARG B 51 -14.01 -0.84 22.22
CA ARG B 51 -14.56 -1.59 23.35
C ARG B 51 -15.24 -2.86 22.87
N LYS C 3 -7.33 -19.37 -15.65
CA LYS C 3 -7.92 -20.54 -14.99
C LYS C 3 -7.00 -21.74 -15.11
N ASN C 4 -6.85 -22.48 -14.00
CA ASN C 4 -6.03 -23.69 -13.94
C ASN C 4 -4.59 -23.39 -14.34
N THR C 5 -3.96 -22.51 -13.58
CA THR C 5 -2.57 -22.12 -13.81
C THR C 5 -1.75 -22.46 -12.57
N SER C 6 -0.50 -22.84 -12.80
CA SER C 6 0.43 -23.20 -11.74
C SER C 6 1.51 -22.13 -11.61
N ILE C 7 1.69 -21.62 -10.39
CA ILE C 7 2.66 -20.58 -10.11
C ILE C 7 3.41 -20.93 -8.83
N THR C 8 4.73 -20.84 -8.86
CA THR C 8 5.56 -21.16 -7.70
C THR C 8 5.69 -19.91 -6.83
N LEU C 9 4.99 -19.90 -5.71
CA LEU C 9 5.08 -18.83 -4.72
C LEU C 9 6.07 -19.21 -3.63
N GLY C 10 6.54 -18.21 -2.90
CA GLY C 10 7.45 -18.45 -1.80
C GLY C 10 6.81 -19.26 -0.69
N GLU C 11 7.66 -19.88 0.12
CA GLU C 11 7.16 -20.66 1.25
C GLU C 11 6.40 -19.78 2.24
N HIS C 12 6.81 -18.51 2.36
CA HIS C 12 6.11 -17.57 3.24
C HIS C 12 4.66 -17.38 2.79
N PHE C 13 4.45 -17.11 1.51
CA PHE C 13 3.11 -16.87 1.02
C PHE C 13 2.28 -18.15 0.96
N ASP C 14 2.92 -19.28 0.67
CA ASP C 14 2.22 -20.56 0.75
C ASP C 14 1.69 -20.80 2.16
N GLY C 15 2.54 -20.57 3.16
CA GLY C 15 2.10 -20.72 4.54
C GLY C 15 1.03 -19.71 4.93
N PHE C 16 1.15 -18.48 4.44
CA PHE C 16 0.13 -17.47 4.71
C PHE C 16 -1.22 -17.90 4.15
N ILE C 17 -1.23 -18.37 2.90
CA ILE C 17 -2.48 -18.81 2.28
C ILE C 17 -3.06 -20.00 3.04
N THR C 18 -2.21 -20.97 3.41
CA THR C 18 -2.70 -22.13 4.14
C THR C 18 -3.29 -21.73 5.48
N SER C 19 -2.62 -20.82 6.21
CA SER C 19 -3.12 -20.37 7.49
C SER C 19 -4.44 -19.61 7.34
N GLN C 20 -4.57 -18.83 6.26
CA GLN C 20 -5.84 -18.16 6.00
C GLN C 20 -6.95 -19.15 5.69
N ILE C 21 -6.62 -20.27 5.05
CA ILE C 21 -7.62 -21.28 4.76
C ILE C 21 -8.02 -22.03 6.05
N GLN C 22 -7.05 -22.27 6.93
CA GLN C 22 -7.33 -23.01 8.15
C GLN C 22 -8.19 -22.24 9.14
N SER C 23 -8.23 -20.92 9.04
CA SER C 23 -9.07 -20.13 9.94
C SER C 23 -10.56 -20.30 9.64
N GLY C 24 -10.90 -20.85 8.47
CA GLY C 24 -12.28 -21.03 8.09
C GLY C 24 -12.90 -19.86 7.35
N ARG C 25 -12.19 -18.74 7.24
CA ARG C 25 -12.74 -17.58 6.55
C ARG C 25 -12.73 -17.79 5.04
N TYR C 26 -11.66 -18.36 4.51
CA TYR C 26 -11.53 -18.62 3.09
C TYR C 26 -11.70 -20.12 2.81
N GLY C 27 -12.26 -20.43 1.65
CA GLY C 27 -12.49 -21.81 1.27
C GLY C 27 -11.26 -22.45 0.64
N SER C 28 -10.85 -21.94 -0.52
CA SER C 28 -9.70 -22.46 -1.23
C SER C 28 -8.63 -21.38 -1.36
N ALA C 29 -7.47 -21.80 -1.90
CA ALA C 29 -6.42 -20.84 -2.22
C ALA C 29 -6.84 -19.92 -3.37
N SER C 30 -7.68 -20.44 -4.28
CA SER C 30 -8.26 -19.59 -5.31
C SER C 30 -9.06 -18.45 -4.70
N GLU C 31 -9.81 -18.73 -3.63
CA GLU C 31 -10.55 -17.68 -2.93
C GLU C 31 -9.61 -16.64 -2.35
N VAL C 32 -8.52 -17.07 -1.72
CA VAL C 32 -7.58 -16.14 -1.11
C VAL C 32 -6.96 -15.24 -2.17
N ILE C 33 -6.51 -15.84 -3.27
CA ILE C 33 -5.86 -15.06 -4.33
C ILE C 33 -6.87 -14.12 -5.00
N ARG C 34 -8.12 -14.58 -5.15
CA ARG C 34 -9.14 -13.71 -5.73
C ARG C 34 -9.43 -12.52 -4.82
N SER C 35 -9.47 -12.74 -3.51
CA SER C 35 -9.71 -11.63 -2.59
C SER C 35 -8.53 -10.65 -2.60
N ALA C 36 -7.31 -11.17 -2.66
CA ALA C 36 -6.14 -10.30 -2.76
C ALA C 36 -6.18 -9.47 -4.04
N LEU C 37 -6.54 -10.10 -5.16
CA LEU C 37 -6.65 -9.38 -6.42
C LEU C 37 -7.78 -8.36 -6.38
N ARG C 38 -8.88 -8.67 -5.68
CA ARG C 38 -9.94 -7.68 -5.50
C ARG C 38 -9.45 -6.48 -4.71
N LEU C 39 -8.67 -6.72 -3.65
CA LEU C 39 -8.11 -5.61 -2.89
C LEU C 39 -7.21 -4.75 -3.76
N LEU C 40 -6.32 -5.38 -4.53
CA LEU C 40 -5.41 -4.62 -5.37
C LEU C 40 -6.15 -3.87 -6.46
N GLU C 41 -7.19 -4.49 -7.03
CA GLU C 41 -7.97 -3.84 -8.08
C GLU C 41 -8.76 -2.66 -7.54
N ASN C 42 -9.27 -2.78 -6.30
CA ASN C 42 -9.97 -1.65 -5.71
C ASN C 42 -9.01 -0.51 -5.38
N GLN C 43 -7.80 -0.85 -4.92
CA GLN C 43 -6.79 0.18 -4.73
C GLN C 43 -6.47 0.89 -6.05
N GLU C 44 -6.28 0.12 -7.12
CA GLU C 44 -5.99 0.72 -8.41
C GLU C 44 -7.16 1.55 -8.93
N THR C 45 -8.40 1.12 -8.64
CA THR C 45 -9.56 1.90 -9.08
C THR C 45 -9.67 3.21 -8.32
N LYS C 46 -9.39 3.18 -7.02
CA LYS C 46 -9.38 4.42 -6.26
C LYS C 46 -8.23 5.34 -6.69
N LEU C 47 -7.13 4.75 -7.17
CA LEU C 47 -6.00 5.55 -7.62
C LEU C 47 -6.25 6.20 -8.98
N GLN C 48 -6.51 5.38 -10.00
CA GLN C 48 -6.66 5.88 -11.37
C GLN C 48 -7.92 6.71 -11.57
N SER C 49 -8.87 6.67 -10.62
CA SER C 49 -10.05 7.53 -10.75
C SER C 49 -9.67 8.99 -10.75
N LEU C 50 -8.57 9.34 -10.08
CA LEU C 50 -8.07 10.71 -10.12
C LEU C 50 -7.27 10.97 -11.39
N ARG C 51 -6.31 10.12 -11.70
CA ARG C 51 -5.51 10.24 -12.91
C ARG C 51 -4.87 8.92 -13.29
N LYS D 3 5.38 -25.47 -3.05
CA LYS D 3 5.90 -25.10 -4.37
C LYS D 3 4.96 -25.57 -5.48
N ASN D 4 4.78 -24.72 -6.49
CA ASN D 4 3.95 -25.02 -7.65
C ASN D 4 2.51 -25.33 -7.24
N THR D 5 1.71 -24.29 -7.05
CA THR D 5 0.31 -24.43 -6.66
C THR D 5 -0.59 -24.11 -7.84
N SER D 6 -1.63 -24.92 -8.01
CA SER D 6 -2.59 -24.76 -9.09
C SER D 6 -3.74 -23.89 -8.64
N ILE D 7 -4.01 -22.82 -9.39
CA ILE D 7 -5.05 -21.85 -9.07
C ILE D 7 -5.98 -21.69 -10.26
N THR D 8 -7.27 -21.60 -10.00
CA THR D 8 -8.29 -21.41 -11.03
C THR D 8 -8.89 -20.01 -10.86
N LEU D 9 -8.40 -19.06 -11.64
CA LEU D 9 -8.90 -17.69 -11.62
C LEU D 9 -9.81 -17.43 -12.82
N GLY D 10 -10.68 -16.45 -12.66
CA GLY D 10 -11.56 -16.07 -13.75
C GLY D 10 -10.83 -15.30 -14.84
N GLU D 11 -11.54 -15.06 -15.94
CA GLU D 11 -10.96 -14.27 -17.03
C GLU D 11 -10.74 -12.83 -16.60
N HIS D 12 -11.57 -12.34 -15.66
CA HIS D 12 -11.42 -10.97 -15.16
C HIS D 12 -10.02 -10.73 -14.62
N PHE D 13 -9.58 -11.60 -13.70
CA PHE D 13 -8.30 -11.37 -13.04
C PHE D 13 -7.13 -11.76 -13.93
N ASP D 14 -7.32 -12.69 -14.88
CA ASP D 14 -6.31 -12.91 -15.91
C ASP D 14 -6.06 -11.64 -16.70
N GLY D 15 -7.12 -11.02 -17.21
CA GLY D 15 -6.98 -9.76 -17.93
C GLY D 15 -6.41 -8.66 -17.04
N PHE D 16 -6.78 -8.66 -15.76
CA PHE D 16 -6.27 -7.67 -14.83
C PHE D 16 -4.76 -7.81 -14.66
N ILE D 17 -4.28 -9.04 -14.46
CA ILE D 17 -2.84 -9.27 -14.30
C ILE D 17 -2.10 -8.90 -15.58
N THR D 18 -2.64 -9.29 -16.73
CA THR D 18 -1.99 -8.95 -17.99
C THR D 18 -1.93 -7.44 -18.19
N SER D 19 -3.01 -6.72 -17.88
CA SER D 19 -3.02 -5.27 -18.04
C SER D 19 -2.09 -4.58 -17.04
N GLN D 20 -1.94 -5.15 -15.84
CA GLN D 20 -0.97 -4.61 -14.91
C GLN D 20 0.45 -4.82 -15.40
N ILE D 21 0.70 -5.93 -16.11
CA ILE D 21 2.00 -6.13 -16.72
C ILE D 21 2.23 -5.14 -17.86
N GLN D 22 1.18 -4.89 -18.66
CA GLN D 22 1.31 -3.97 -19.80
C GLN D 22 1.67 -2.56 -19.34
N SER D 23 1.13 -2.13 -18.21
CA SER D 23 1.36 -0.78 -17.72
C SER D 23 2.82 -0.53 -17.35
N GLY D 24 3.64 -1.56 -17.28
CA GLY D 24 5.02 -1.42 -16.88
C GLY D 24 5.24 -1.26 -15.39
N ARG D 25 4.17 -1.23 -14.59
CA ARG D 25 4.33 -1.10 -13.15
C ARG D 25 4.72 -2.42 -12.50
N TYR D 26 4.35 -3.55 -13.10
CA TYR D 26 4.67 -4.87 -12.59
C TYR D 26 5.43 -5.66 -13.65
N GLY D 27 6.24 -6.60 -13.18
CA GLY D 27 7.03 -7.43 -14.08
C GLY D 27 6.29 -8.63 -14.61
N SER D 28 6.15 -9.66 -13.80
CA SER D 28 5.47 -10.89 -14.16
C SER D 28 4.16 -11.00 -13.39
N ALA D 29 3.39 -12.05 -13.71
CA ALA D 29 2.15 -12.30 -12.98
C ALA D 29 2.45 -12.68 -11.53
N SER D 30 3.57 -13.37 -11.30
CA SER D 30 4.00 -13.65 -9.93
C SER D 30 4.19 -12.38 -9.13
N GLU D 31 4.75 -11.34 -9.77
CA GLU D 31 4.91 -10.05 -9.10
C GLU D 31 3.56 -9.46 -8.68
N VAL D 32 2.60 -9.47 -9.61
CA VAL D 32 1.28 -8.91 -9.32
C VAL D 32 0.62 -9.66 -8.17
N ILE D 33 0.63 -11.00 -8.24
CA ILE D 33 -0.04 -11.80 -7.22
C ILE D 33 0.66 -11.65 -5.87
N ARG D 34 1.99 -11.56 -5.87
CA ARG D 34 2.72 -11.42 -4.62
C ARG D 34 2.49 -10.05 -4.00
N SER D 35 2.37 -9.00 -4.82
CA SER D 35 2.07 -7.69 -4.27
C SER D 35 0.65 -7.63 -3.72
N ALA D 36 -0.31 -8.25 -4.41
CA ALA D 36 -1.67 -8.31 -3.89
C ALA D 36 -1.72 -9.09 -2.58
N LEU D 37 -0.97 -10.19 -2.49
CA LEU D 37 -0.93 -10.96 -1.26
C LEU D 37 -0.21 -10.19 -0.15
N ARG D 38 0.77 -9.36 -0.50
CA ARG D 38 1.36 -8.47 0.49
C ARG D 38 0.34 -7.49 1.03
N LEU D 39 -0.47 -6.91 0.15
CA LEU D 39 -1.56 -6.04 0.59
C LEU D 39 -2.49 -6.78 1.55
N LEU D 40 -2.90 -7.99 1.17
CA LEU D 40 -3.84 -8.74 2.01
C LEU D 40 -3.22 -9.11 3.35
N GLU D 41 -1.94 -9.48 3.36
CA GLU D 41 -1.28 -9.86 4.61
C GLU D 41 -1.11 -8.65 5.52
N ASN D 42 -0.76 -7.48 4.95
CA ASN D 42 -0.67 -6.28 5.76
C ASN D 42 -2.03 -5.89 6.33
N GLN D 43 -3.09 -6.03 5.53
CA GLN D 43 -4.43 -5.74 6.03
C GLN D 43 -4.82 -6.68 7.16
N GLU D 44 -4.51 -7.97 7.02
CA GLU D 44 -4.85 -8.93 8.07
C GLU D 44 -4.03 -8.69 9.33
N THR D 45 -2.75 -8.32 9.17
CA THR D 45 -1.92 -7.98 10.33
C THR D 45 -2.43 -6.73 11.02
N LYS D 46 -2.97 -5.77 10.27
CA LYS D 46 -3.59 -4.61 10.88
C LYS D 46 -4.88 -4.96 11.59
N LEU D 47 -5.61 -5.95 11.06
CA LEU D 47 -6.87 -6.36 11.70
C LEU D 47 -6.61 -6.99 13.07
N GLN D 48 -5.77 -8.04 13.12
CA GLN D 48 -5.50 -8.73 14.37
C GLN D 48 -4.64 -7.93 15.33
N SER D 49 -4.11 -6.78 14.90
CA SER D 49 -3.41 -5.91 15.85
C SER D 49 -4.36 -5.38 16.91
N LEU D 50 -5.65 -5.25 16.59
CA LEU D 50 -6.64 -4.84 17.57
C LEU D 50 -7.16 -6.05 18.34
N ARG D 51 -7.77 -7.00 17.65
CA ARG D 51 -8.28 -8.21 18.27
C ARG D 51 -8.44 -9.33 17.24
N LYS E 3 15.93 0.62 -18.75
CA LYS E 3 16.56 -0.69 -18.69
C LYS E 3 18.06 -0.57 -18.43
N ASN E 4 18.60 -1.53 -17.66
CA ASN E 4 20.01 -1.57 -17.31
C ASN E 4 20.45 -0.29 -16.60
N THR E 5 20.21 -0.21 -15.30
CA THR E 5 20.58 0.94 -14.49
C THR E 5 21.55 0.50 -13.40
N SER E 6 22.68 1.19 -13.29
CA SER E 6 23.71 0.88 -12.30
C SER E 6 23.59 1.88 -11.15
N ILE E 7 23.15 1.39 -9.99
CA ILE E 7 22.94 2.22 -8.82
C ILE E 7 23.85 1.74 -7.69
N THR E 8 24.46 2.68 -6.99
CA THR E 8 25.33 2.38 -5.85
C THR E 8 24.55 2.70 -4.58
N LEU E 9 23.79 1.72 -4.10
CA LEU E 9 23.02 1.90 -2.88
C LEU E 9 23.90 1.69 -1.65
N GLY E 10 23.55 2.40 -0.58
CA GLY E 10 24.28 2.24 0.66
C GLY E 10 24.10 0.86 1.26
N GLU E 11 24.98 0.53 2.21
CA GLU E 11 24.91 -0.77 2.87
C GLU E 11 23.59 -0.94 3.63
N HIS E 12 23.05 0.15 4.16
CA HIS E 12 21.78 0.08 4.88
C HIS E 12 20.65 -0.38 3.96
N PHE E 13 20.57 0.22 2.76
CA PHE E 13 19.48 -0.14 1.85
C PHE E 13 19.72 -1.51 1.21
N ASP E 14 20.98 -1.88 0.97
CA ASP E 14 21.27 -3.23 0.54
C ASP E 14 20.79 -4.25 1.56
N GLY E 15 21.09 -3.99 2.85
CA GLY E 15 20.62 -4.87 3.89
C GLY E 15 19.10 -4.91 3.99
N PHE E 16 18.45 -3.76 3.83
CA PHE E 16 16.99 -3.74 3.89
C PHE E 16 16.38 -4.53 2.74
N ILE E 17 16.94 -4.41 1.54
CA ILE E 17 16.44 -5.16 0.39
C ILE E 17 16.63 -6.65 0.61
N THR E 18 17.81 -7.04 1.08
CA THR E 18 18.07 -8.46 1.34
C THR E 18 17.14 -8.99 2.43
N SER E 19 16.84 -8.17 3.45
CA SER E 19 15.95 -8.61 4.51
C SER E 19 14.52 -8.76 4.01
N GLN E 20 14.07 -7.84 3.14
CA GLN E 20 12.75 -7.98 2.55
C GLN E 20 12.68 -9.21 1.65
N ILE E 21 13.81 -9.59 1.03
CA ILE E 21 13.84 -10.83 0.26
C ILE E 21 13.75 -12.04 1.20
N GLN E 22 14.48 -12.00 2.31
CA GLN E 22 14.50 -13.13 3.25
C GLN E 22 13.16 -13.34 3.95
N SER E 23 12.33 -12.30 4.05
CA SER E 23 11.03 -12.45 4.69
C SER E 23 10.05 -13.28 3.85
N GLY E 24 10.43 -13.65 2.62
CA GLY E 24 9.54 -14.37 1.74
C GLY E 24 8.45 -13.54 1.12
N ARG E 25 8.34 -12.26 1.48
CA ARG E 25 7.31 -11.40 0.91
C ARG E 25 7.70 -10.89 -0.47
N TYR E 26 8.99 -10.61 -0.67
CA TYR E 26 9.49 -10.12 -1.94
C TYR E 26 10.38 -11.17 -2.59
N GLY E 27 10.40 -11.18 -3.91
CA GLY E 27 11.18 -12.14 -4.66
C GLY E 27 12.62 -11.73 -4.85
N SER E 28 12.86 -10.72 -5.68
CA SER E 28 14.19 -10.24 -6.00
C SER E 28 14.36 -8.80 -5.51
N ALA E 29 15.57 -8.27 -5.70
CA ALA E 29 15.83 -6.87 -5.36
C ALA E 29 15.07 -5.93 -6.29
N SER E 30 15.00 -6.29 -7.57
CA SER E 30 14.21 -5.50 -8.52
C SER E 30 12.75 -5.46 -8.10
N GLU E 31 12.23 -6.54 -7.52
CA GLU E 31 10.86 -6.55 -7.05
C GLU E 31 10.67 -5.54 -5.92
N VAL E 32 11.61 -5.50 -4.96
CA VAL E 32 11.52 -4.55 -3.86
C VAL E 32 11.58 -3.12 -4.39
N ILE E 33 12.51 -2.87 -5.31
CA ILE E 33 12.67 -1.51 -5.84
C ILE E 33 11.43 -1.09 -6.63
N ARG E 34 10.85 -2.02 -7.39
CA ARG E 34 9.65 -1.69 -8.15
C ARG E 34 8.47 -1.43 -7.23
N SER E 35 8.35 -2.19 -6.14
CA SER E 35 7.26 -1.94 -5.19
C SER E 35 7.43 -0.60 -4.50
N ALA E 36 8.67 -0.25 -4.13
CA ALA E 36 8.92 1.04 -3.51
C ALA E 36 8.62 2.19 -4.49
N LEU E 37 9.00 2.02 -5.75
CA LEU E 37 8.67 3.02 -6.75
C LEU E 37 7.17 3.11 -6.99
N ARG E 38 6.45 1.99 -6.89
CA ARG E 38 4.99 2.04 -6.96
C ARG E 38 4.41 2.82 -5.80
N LEU E 39 4.96 2.62 -4.59
CA LEU E 39 4.51 3.39 -3.43
C LEU E 39 4.74 4.88 -3.64
N LEU E 40 5.93 5.26 -4.12
CA LEU E 40 6.21 6.67 -4.36
C LEU E 40 5.32 7.24 -5.45
N GLU E 41 5.07 6.45 -6.50
CA GLU E 41 4.20 6.90 -7.59
C GLU E 41 2.77 7.10 -7.12
N ASN E 42 2.29 6.21 -6.25
CA ASN E 42 0.94 6.38 -5.71
C ASN E 42 0.87 7.60 -4.79
N GLN E 43 1.91 7.83 -3.98
CA GLN E 43 1.95 9.03 -3.17
C GLN E 43 1.87 10.28 -4.03
N GLU E 44 2.68 10.33 -5.10
CA GLU E 44 2.66 11.52 -5.96
C GLU E 44 1.35 11.65 -6.73
N THR E 45 0.75 10.53 -7.14
CA THR E 45 -0.54 10.59 -7.83
C THR E 45 -1.64 11.08 -6.90
N LYS E 46 -1.54 10.76 -5.60
CA LYS E 46 -2.48 11.33 -4.64
C LYS E 46 -2.16 12.79 -4.34
N LEU E 47 -0.90 13.18 -4.46
CA LEU E 47 -0.51 14.57 -4.18
C LEU E 47 -0.90 15.51 -5.31
N GLN E 48 -0.45 15.21 -6.53
CA GLN E 48 -0.69 16.10 -7.66
C GLN E 48 -2.17 16.20 -8.05
N SER E 49 -3.01 15.28 -7.56
CA SER E 49 -4.45 15.44 -7.77
C SER E 49 -5.00 16.66 -7.06
N LEU E 50 -4.30 17.14 -6.03
CA LEU E 50 -4.69 18.37 -5.33
C LEU E 50 -3.95 19.59 -5.89
N ARG E 51 -2.62 19.53 -5.91
CA ARG E 51 -1.81 20.61 -6.44
C ARG E 51 -0.45 20.10 -6.90
N LYS F 3 26.22 -1.92 -2.52
CA LYS F 3 26.98 -0.97 -3.32
C LYS F 3 27.19 -1.50 -4.74
N ASN F 4 26.96 -0.62 -5.72
CA ASN F 4 27.11 -0.94 -7.14
C ASN F 4 26.24 -2.14 -7.53
N THR F 5 24.94 -1.87 -7.58
CA THR F 5 23.94 -2.87 -7.91
C THR F 5 23.31 -2.53 -9.26
N SER F 6 23.01 -3.58 -10.03
CA SER F 6 22.37 -3.44 -11.33
C SER F 6 20.91 -3.83 -11.22
N ILE F 7 20.03 -2.95 -11.69
CA ILE F 7 18.58 -3.12 -11.57
C ILE F 7 17.98 -3.13 -12.98
N THR F 8 16.95 -3.95 -13.17
CA THR F 8 16.22 -4.05 -14.43
C THR F 8 14.84 -3.41 -14.21
N LEU F 9 14.76 -2.11 -14.45
CA LEU F 9 13.51 -1.37 -14.33
C LEU F 9 12.81 -1.30 -15.68
N GLY F 10 11.48 -1.29 -15.65
CA GLY F 10 10.71 -1.14 -16.86
C GLY F 10 10.81 0.24 -17.45
N GLU F 11 10.31 0.38 -18.68
CA GLU F 11 10.29 1.68 -19.34
C GLU F 11 9.38 2.65 -18.58
N HIS F 12 8.28 2.15 -18.03
CA HIS F 12 7.38 3.00 -17.25
C HIS F 12 8.09 3.59 -16.04
N PHE F 13 8.87 2.78 -15.33
CA PHE F 13 9.54 3.27 -14.13
C PHE F 13 10.72 4.17 -14.46
N ASP F 14 11.42 3.91 -15.57
CA ASP F 14 12.44 4.85 -16.02
C ASP F 14 11.82 6.20 -16.33
N GLY F 15 10.68 6.20 -17.04
CA GLY F 15 9.99 7.45 -17.31
C GLY F 15 9.51 8.13 -16.04
N PHE F 16 9.03 7.36 -15.08
CA PHE F 16 8.60 7.92 -13.79
C PHE F 16 9.77 8.60 -13.08
N ILE F 17 10.92 7.93 -13.02
CA ILE F 17 12.09 8.50 -12.35
C ILE F 17 12.55 9.77 -13.06
N THR F 18 12.58 9.74 -14.40
CA THR F 18 13.00 10.92 -15.14
C THR F 18 12.04 12.08 -14.93
N SER F 19 10.72 11.81 -14.94
CA SER F 19 9.75 12.88 -14.73
C SER F 19 9.80 13.40 -13.30
N GLN F 20 10.19 12.56 -12.35
CA GLN F 20 10.39 13.04 -10.98
C GLN F 20 11.60 13.96 -10.91
N ILE F 21 12.68 13.62 -11.63
CA ILE F 21 13.84 14.50 -11.68
C ILE F 21 13.50 15.81 -12.38
N GLN F 22 12.63 15.77 -13.39
CA GLN F 22 12.28 16.97 -14.15
C GLN F 22 11.52 17.98 -13.29
N SER F 23 10.88 17.55 -12.21
CA SER F 23 10.14 18.48 -11.37
C SER F 23 11.07 19.35 -10.51
N GLY F 24 12.31 18.93 -10.33
CA GLY F 24 13.24 19.64 -9.47
C GLY F 24 13.15 19.29 -8.01
N ARG F 25 12.12 18.54 -7.59
CA ARG F 25 12.02 18.14 -6.20
C ARG F 25 13.10 17.16 -5.82
N TYR F 26 13.41 16.21 -6.70
CA TYR F 26 14.47 15.23 -6.50
C TYR F 26 15.66 15.58 -7.39
N GLY F 27 16.83 15.07 -7.00
CA GLY F 27 18.05 15.39 -7.69
C GLY F 27 18.42 14.41 -8.79
N SER F 28 18.62 13.15 -8.42
CA SER F 28 19.05 12.10 -9.34
C SER F 28 18.12 10.91 -9.24
N ALA F 29 18.36 9.92 -10.10
CA ALA F 29 17.64 8.66 -10.00
C ALA F 29 17.92 7.97 -8.66
N SER F 30 19.15 8.10 -8.17
CA SER F 30 19.48 7.55 -6.86
C SER F 30 18.63 8.20 -5.78
N GLU F 31 18.37 9.50 -5.88
CA GLU F 31 17.54 10.17 -4.89
C GLU F 31 16.11 9.63 -4.91
N VAL F 32 15.56 9.41 -6.09
CA VAL F 32 14.18 8.89 -6.20
C VAL F 32 14.11 7.48 -5.63
N ILE F 33 15.10 6.64 -5.97
CA ILE F 33 15.08 5.27 -5.47
C ILE F 33 15.28 5.23 -3.97
N ARG F 34 16.13 6.12 -3.45
CA ARG F 34 16.35 6.19 -2.00
C ARG F 34 15.10 6.65 -1.28
N SER F 35 14.38 7.63 -1.84
CA SER F 35 13.15 8.08 -1.20
C SER F 35 12.07 7.00 -1.26
N ALA F 36 12.01 6.25 -2.36
CA ALA F 36 11.06 5.14 -2.45
C ALA F 36 11.38 4.07 -1.42
N LEU F 37 12.66 3.71 -1.29
CA LEU F 37 13.07 2.74 -0.28
C LEU F 37 12.81 3.26 1.12
N ARG F 38 12.97 4.56 1.34
CA ARG F 38 12.64 5.14 2.64
C ARG F 38 11.15 5.01 2.93
N LEU F 39 10.30 5.28 1.93
CA LEU F 39 8.86 5.12 2.12
C LEU F 39 8.50 3.69 2.45
N LEU F 40 9.08 2.73 1.71
CA LEU F 40 8.79 1.33 1.97
C LEU F 40 9.30 0.90 3.34
N GLU F 41 10.47 1.39 3.75
CA GLU F 41 11.02 1.04 5.05
C GLU F 41 10.20 1.64 6.18
N ASN F 42 9.67 2.85 5.99
CA ASN F 42 8.80 3.44 6.99
C ASN F 42 7.48 2.69 7.09
N GLN F 43 6.92 2.29 5.94
CA GLN F 43 5.73 1.46 5.94
C GLN F 43 5.97 0.15 6.70
N GLU F 44 7.14 -0.46 6.48
CA GLU F 44 7.43 -1.71 7.17
C GLU F 44 7.65 -1.50 8.66
N THR F 45 8.36 -0.44 9.04
CA THR F 45 8.59 -0.16 10.45
C THR F 45 7.30 0.18 11.18
N LYS F 46 6.33 0.76 10.47
CA LYS F 46 5.01 0.98 11.08
C LYS F 46 4.18 -0.29 11.08
N LEU F 47 4.45 -1.21 10.13
CA LEU F 47 3.71 -2.47 10.09
C LEU F 47 4.15 -3.40 11.20
N GLN F 48 5.44 -3.75 11.22
CA GLN F 48 5.95 -4.72 12.19
C GLN F 48 5.91 -4.21 13.62
N SER F 49 5.65 -2.92 13.83
CA SER F 49 5.43 -2.43 15.19
C SER F 49 4.25 -3.11 15.85
N LEU F 50 3.26 -3.50 15.05
CA LEU F 50 2.15 -4.31 15.55
C LEU F 50 2.53 -5.79 15.60
N ARG F 51 2.93 -6.35 14.47
CA ARG F 51 3.36 -7.74 14.39
C ARG F 51 4.22 -7.98 13.16
N LYS G 3 22.68 29.37 -6.80
CA LYS G 3 23.36 28.09 -6.73
C LYS G 3 24.37 28.06 -5.58
N ASN G 4 24.47 26.92 -4.91
CA ASN G 4 25.37 26.73 -3.78
C ASN G 4 25.14 27.79 -2.71
N THR G 5 23.90 27.84 -2.23
CA THR G 5 23.52 28.85 -1.24
C THR G 5 24.18 28.57 0.10
N SER G 6 24.64 29.63 0.75
CA SER G 6 25.25 29.55 2.07
C SER G 6 24.20 29.95 3.10
N ILE G 7 23.96 29.07 4.08
CA ILE G 7 22.88 29.25 5.05
C ILE G 7 23.41 28.93 6.43
N THR G 8 23.14 29.80 7.39
CA THR G 8 23.60 29.63 8.77
C THR G 8 22.54 28.87 9.55
N LEU G 9 22.69 27.56 9.61
CA LEU G 9 21.80 26.71 10.40
C LEU G 9 22.36 26.54 11.81
N GLY G 10 21.47 26.23 12.74
CA GLY G 10 21.89 26.02 14.12
C GLY G 10 22.75 24.79 14.29
N GLU G 11 23.47 24.75 15.41
CA GLU G 11 24.36 23.62 15.71
C GLU G 11 23.61 22.35 16.07
N HIS G 12 22.28 22.37 16.06
CA HIS G 12 21.44 21.22 16.34
C HIS G 12 20.95 20.53 15.07
N PHE G 13 20.45 21.32 14.11
CA PHE G 13 20.05 20.75 12.83
C PHE G 13 21.25 20.20 12.06
N ASP G 14 22.43 20.76 12.28
CA ASP G 14 23.64 20.17 11.72
C ASP G 14 23.81 18.73 12.18
N GLY G 15 23.79 18.52 13.50
CA GLY G 15 23.91 17.18 14.03
C GLY G 15 22.79 16.27 13.56
N PHE G 16 21.57 16.81 13.43
CA PHE G 16 20.45 15.99 12.97
C PHE G 16 20.66 15.53 11.52
N ILE G 17 21.11 16.43 10.65
CA ILE G 17 21.36 16.07 9.27
C ILE G 17 22.45 15.01 9.19
N THR G 18 23.57 15.25 9.89
CA THR G 18 24.65 14.26 9.87
C THR G 18 24.15 12.91 10.38
N SER G 19 23.40 12.90 11.48
CA SER G 19 22.91 11.65 12.04
C SER G 19 21.99 10.92 11.07
N GLN G 20 21.12 11.66 10.39
CA GLN G 20 20.28 11.04 9.37
C GLN G 20 21.11 10.48 8.23
N ILE G 21 22.24 11.11 7.91
CA ILE G 21 23.15 10.54 6.92
C ILE G 21 23.78 9.24 7.45
N GLN G 22 24.08 9.21 8.75
CA GLN G 22 24.79 8.08 9.34
C GLN G 22 23.96 6.80 9.36
N SER G 23 22.64 6.91 9.34
CA SER G 23 21.77 5.74 9.36
C SER G 23 21.68 5.04 8.01
N GLY G 24 22.33 5.58 6.98
CA GLY G 24 22.25 5.00 5.65
C GLY G 24 20.94 5.21 4.93
N ARG G 25 20.08 6.10 5.44
CA ARG G 25 18.80 6.37 4.81
C ARG G 25 18.82 7.58 3.89
N TYR G 26 19.79 8.48 4.05
CA TYR G 26 19.92 9.67 3.22
C TYR G 26 21.33 9.73 2.63
N GLY G 27 21.46 10.47 1.55
CA GLY G 27 22.73 10.60 0.86
C GLY G 27 23.60 11.72 1.37
N SER G 28 23.30 12.95 0.96
CA SER G 28 24.04 14.13 1.37
C SER G 28 23.15 15.05 2.18
N ALA G 29 23.75 16.11 2.71
CA ALA G 29 22.98 17.12 3.43
C ALA G 29 21.99 17.82 2.50
N SER G 30 22.37 18.02 1.25
CA SER G 30 21.45 18.56 0.26
C SER G 30 20.25 17.64 0.08
N GLU G 31 20.47 16.33 0.16
CA GLU G 31 19.38 15.37 0.01
C GLU G 31 18.40 15.46 1.18
N VAL G 32 18.93 15.58 2.41
CA VAL G 32 18.06 15.71 3.59
C VAL G 32 17.28 17.01 3.51
N ILE G 33 17.95 18.11 3.13
CA ILE G 33 17.27 19.39 3.01
C ILE G 33 16.19 19.34 1.93
N ARG G 34 16.47 18.64 0.82
CA ARG G 34 15.50 18.53 -0.25
C ARG G 34 14.28 17.71 0.18
N SER G 35 14.51 16.62 0.92
CA SER G 35 13.39 15.84 1.41
C SER G 35 12.55 16.64 2.40
N ALA G 36 13.21 17.44 3.25
CA ALA G 36 12.47 18.28 4.18
C ALA G 36 11.66 19.35 3.45
N LEU G 37 12.23 19.95 2.41
CA LEU G 37 11.49 20.93 1.62
C LEU G 37 10.32 20.27 0.89
N ARG G 38 10.50 19.04 0.43
CA ARG G 38 9.39 18.30 -0.16
C ARG G 38 8.29 18.06 0.86
N LEU G 39 8.67 17.71 2.09
CA LEU G 39 7.67 17.52 3.15
C LEU G 39 6.91 18.81 3.42
N LEU G 40 7.62 19.95 3.48
CA LEU G 40 6.93 21.22 3.71
C LEU G 40 6.00 21.56 2.55
N GLU G 41 6.46 21.32 1.31
CA GLU G 41 5.62 21.61 0.14
C GLU G 41 4.38 20.72 0.12
N ASN G 42 4.52 19.45 0.51
CA ASN G 42 3.38 18.55 0.54
C ASN G 42 2.42 18.91 1.66
N GLN G 43 2.94 19.31 2.82
CA GLN G 43 2.08 19.80 3.89
C GLN G 43 1.32 21.05 3.45
N GLU G 44 1.98 21.93 2.69
CA GLU G 44 1.30 23.08 2.11
C GLU G 44 0.16 22.63 1.20
N THR G 45 0.47 21.80 0.21
CA THR G 45 -0.54 21.35 -0.75
C THR G 45 -1.69 20.63 -0.06
N LYS G 46 -1.43 19.97 1.06
CA LYS G 46 -2.49 19.24 1.76
C LYS G 46 -3.31 20.15 2.66
N LEU G 47 -2.70 21.18 3.23
CA LEU G 47 -3.42 22.11 4.11
C LEU G 47 -4.13 23.20 3.34
N GLN G 48 -3.49 23.77 2.31
CA GLN G 48 -4.16 24.76 1.48
C GLN G 48 -5.21 24.14 0.56
N SER G 49 -5.44 22.82 0.65
CA SER G 49 -6.47 22.19 -0.16
C SER G 49 -7.86 22.65 0.25
N LEU G 50 -8.08 22.89 1.55
CA LEU G 50 -9.38 23.35 2.03
C LEU G 50 -9.61 24.80 1.61
N ARG G 51 -8.76 25.70 2.09
CA ARG G 51 -8.90 27.12 1.76
C ARG G 51 -7.55 27.83 1.89
N LYS H 3 26.41 25.24 10.36
CA LYS H 3 26.26 26.67 10.08
C LYS H 3 27.14 27.10 8.91
N ASN H 4 26.58 27.96 8.06
CA ASN H 4 27.30 28.51 6.90
C ASN H 4 27.81 27.39 5.99
N THR H 5 26.88 26.57 5.52
CA THR H 5 27.17 25.44 4.65
C THR H 5 26.72 25.76 3.23
N SER H 6 27.48 25.30 2.25
CA SER H 6 27.15 25.51 0.84
C SER H 6 26.35 24.32 0.35
N ILE H 7 25.10 24.57 -0.04
CA ILE H 7 24.18 23.53 -0.48
C ILE H 7 23.64 23.90 -1.86
N THR H 8 23.76 22.98 -2.82
CA THR H 8 23.27 23.20 -4.18
C THR H 8 21.82 22.74 -4.25
N LEU H 9 20.91 23.67 -4.01
CA LEU H 9 19.48 23.39 -4.13
C LEU H 9 19.02 23.65 -5.56
N GLY H 10 18.08 22.84 -6.02
CA GLY H 10 17.57 22.99 -7.38
C GLY H 10 16.87 24.31 -7.58
N GLU H 11 16.74 24.69 -8.86
CA GLU H 11 16.08 25.95 -9.19
C GLU H 11 14.63 25.95 -8.72
N HIS H 12 13.98 24.79 -8.71
CA HIS H 12 12.62 24.69 -8.19
C HIS H 12 12.58 25.02 -6.70
N PHE H 13 13.48 24.44 -5.92
CA PHE H 13 13.49 24.70 -4.48
C PHE H 13 14.01 26.10 -4.16
N ASP H 14 14.92 26.63 -4.97
CA ASP H 14 15.33 28.02 -4.80
C ASP H 14 14.16 28.96 -5.02
N GLY H 15 13.39 28.73 -6.09
CA GLY H 15 12.20 29.52 -6.32
C GLY H 15 11.17 29.37 -5.22
N PHE H 16 11.05 28.15 -4.66
CA PHE H 16 10.11 27.93 -3.57
C PHE H 16 10.53 28.70 -2.32
N ILE H 17 11.83 28.69 -2.00
CA ILE H 17 12.32 29.42 -0.84
C ILE H 17 12.10 30.92 -1.03
N THR H 18 12.38 31.42 -2.24
CA THR H 18 12.12 32.83 -2.51
C THR H 18 10.63 33.16 -2.40
N SER H 19 9.76 32.29 -2.91
CA SER H 19 8.32 32.52 -2.81
C SER H 19 7.87 32.57 -1.36
N GLN H 20 8.42 31.69 -0.52
CA GLN H 20 8.07 31.71 0.89
C GLN H 20 8.60 32.96 1.58
N ILE H 21 9.76 33.47 1.17
CA ILE H 21 10.32 34.66 1.80
C ILE H 21 9.53 35.91 1.41
N GLN H 22 9.34 36.12 0.11
CA GLN H 22 8.72 37.34 -0.39
C GLN H 22 7.23 37.44 -0.06
N SER H 23 6.64 36.44 0.56
CA SER H 23 5.27 36.54 1.05
C SER H 23 5.19 37.19 2.41
N GLY H 24 6.31 37.34 3.12
CA GLY H 24 6.33 37.91 4.45
C GLY H 24 6.17 36.92 5.57
N ARG H 25 5.83 35.67 5.27
CA ARG H 25 5.64 34.67 6.31
C ARG H 25 6.96 34.17 6.89
N TYR H 26 8.01 34.11 6.07
CA TYR H 26 9.33 33.70 6.49
C TYR H 26 10.31 34.86 6.29
N GLY H 27 11.37 34.85 7.07
CA GLY H 27 12.35 35.92 7.01
C GLY H 27 13.56 35.63 6.16
N SER H 28 14.23 34.51 6.43
CA SER H 28 15.43 34.12 5.70
C SER H 28 15.25 32.73 5.10
N ALA H 29 16.15 32.38 4.19
CA ALA H 29 16.19 31.01 3.67
C ALA H 29 16.51 30.03 4.78
N SER H 30 17.36 30.44 5.73
CA SER H 30 17.62 29.63 6.90
C SER H 30 16.33 29.31 7.65
N GLU H 31 15.39 30.25 7.64
CA GLU H 31 14.12 30.05 8.34
C GLU H 31 13.28 28.96 7.68
N VAL H 32 13.12 29.04 6.36
CA VAL H 32 12.33 28.04 5.65
C VAL H 32 12.99 26.67 5.77
N ILE H 33 14.31 26.63 5.64
CA ILE H 33 15.01 25.35 5.77
C ILE H 33 14.86 24.80 7.18
N ARG H 34 14.88 25.67 8.19
CA ARG H 34 14.71 25.22 9.57
C ARG H 34 13.32 24.66 9.82
N SER H 35 12.30 25.29 9.23
CA SER H 35 10.94 24.78 9.38
C SER H 35 10.78 23.43 8.69
N ALA H 36 11.32 23.30 7.48
CA ALA H 36 11.27 22.02 6.79
C ALA H 36 12.00 20.94 7.57
N LEU H 37 13.17 21.28 8.14
CA LEU H 37 13.91 20.32 8.95
C LEU H 37 13.16 20.00 10.24
N ARG H 38 12.40 20.94 10.78
CA ARG H 38 11.54 20.63 11.93
C ARG H 38 10.51 19.58 11.56
N LEU H 39 9.85 19.76 10.42
CA LEU H 39 8.89 18.77 9.96
C LEU H 39 9.54 17.39 9.80
N LEU H 40 10.70 17.36 9.13
CA LEU H 40 11.37 16.09 8.88
C LEU H 40 11.84 15.44 10.17
N GLU H 41 12.29 16.25 11.13
CA GLU H 41 12.75 15.70 12.41
C GLU H 41 11.58 15.16 13.22
N ASN H 42 10.42 15.83 13.16
CA ASN H 42 9.23 15.27 13.80
C ASN H 42 8.87 13.93 13.18
N GLN H 43 8.92 13.84 11.85
CA GLN H 43 8.65 12.57 11.18
C GLN H 43 9.61 11.48 11.66
N GLU H 44 10.91 11.77 11.66
CA GLU H 44 11.90 10.74 12.02
C GLU H 44 11.80 10.37 13.50
N THR H 45 11.50 11.34 14.36
CA THR H 45 11.37 11.05 15.78
C THR H 45 10.12 10.22 16.07
N LYS H 46 9.05 10.44 15.31
CA LYS H 46 7.89 9.56 15.42
C LYS H 46 8.18 8.18 14.82
N LEU H 47 9.12 8.11 13.88
CA LEU H 47 9.45 6.83 13.26
C LEU H 47 10.33 5.98 14.15
N GLN H 48 11.54 6.47 14.48
CA GLN H 48 12.48 5.69 15.27
C GLN H 48 11.99 5.41 16.68
N SER H 49 10.99 6.15 17.17
CA SER H 49 10.37 5.80 18.44
C SER H 49 9.71 4.43 18.37
N LEU H 50 9.19 4.06 17.20
CA LEU H 50 8.66 2.72 17.00
C LEU H 50 9.78 1.74 16.68
N ARG H 51 10.64 2.08 15.72
CA ARG H 51 11.77 1.24 15.35
C ARG H 51 12.86 2.05 14.66
#